data_4V25
#
_entry.id   4V25
#
_cell.length_a   108.944
_cell.length_b   108.944
_cell.length_c   84.380
_cell.angle_alpha   90.00
_cell.angle_beta   90.00
_cell.angle_gamma   120.00
#
_symmetry.space_group_name_H-M   'P 64'
#
loop_
_entity.id
_entity.type
_entity.pdbx_description
1 polymer '[PYRUVATE DEHYDROGENASE (ACETYL-TRANSFERRING)] KINASE ISOZYME 2, MITOCHONDRIAL'
2 non-polymer 'N-(2-AMINOETHYL)-2-{3-CHLORO-4-[(4-ISOPROPYLBENZYL)OXY]PHENYL} ACETAMIDE'
3 non-polymer 'MAGNESIUM ION'
4 non-polymer N-[4-(2-chloro-5-methylpyrimidin-4-yl)phenyl]-N-(4-{[(difluoroacetyl)amino]methyl}benzyl)-2,4-dihydroxybenzamide
5 water water
#
_entity_poly.entity_id   1
_entity_poly.type   'polypeptide(L)'
_entity_poly.pdbx_seq_one_letter_code
;MRWVWALLKNASLAGSAPKYIEHFSKFSPSPLSMKQFLDFGSSNACEKTSFTFLRQELPVRLANIMKEINLLPDRVLSTP
SVQLVQSWYVQSLLDIMEFLDKDPEDHRTLSQFTDALVTIRNRHNDVVPTMAQGVLEYKDTYGDDPVSNQNIQYFLDRFY
LSRISIRMLINQHTLIFDGSTNPAHPKHIGSIDPNCNVSEVVKDAYDMAKLLCDKYYMASPDLEIQEINAANSKQPIHMV
YVPSHLYHMLFELFKNAMRATVESHESSLILPPIKVMVALGEEDLSIKMSDRGGGVPLRKIERLFSYMYSTAPTPQPGTG
GTPLAGFGYGLPISRLYAKYFQGDLQLFSMEGFGTDAVIYLKALSTDSVERLPVYNKSAWRHYQTIQEAGDWCVPSTEPK
NTSTYRVS
;
_entity_poly.pdbx_strand_id   A
#
loop_
_chem_comp.id
_chem_comp.type
_chem_comp.name
_chem_comp.formula
MG non-polymer 'MAGNESIUM ION' 'Mg 2'
SZ6 non-polymer N-[4-(2-chloro-5-methylpyrimidin-4-yl)phenyl]-N-(4-{[(difluoroacetyl)amino]methyl}benzyl)-2,4-dihydroxybenzamide 'C28 H23 Cl F2 N4 O4'
TF3 non-polymer 'N-(2-AMINOETHYL)-2-{3-CHLORO-4-[(4-ISOPROPYLBENZYL)OXY]PHENYL} ACETAMIDE' 'C20 H25 Cl N2 O2'
#
# COMPACT_ATOMS: atom_id res chain seq x y z
N GLY A 15 10.26 -2.71 32.02
CA GLY A 15 10.92 -2.11 30.81
C GLY A 15 10.49 -0.69 30.51
N SER A 16 10.83 -0.21 29.32
CA SER A 16 10.65 1.20 29.06
C SER A 16 9.60 1.56 27.95
N ALA A 17 9.08 0.57 27.22
CA ALA A 17 8.24 0.85 26.03
C ALA A 17 7.35 2.07 26.17
N PRO A 18 6.53 2.14 27.25
CA PRO A 18 5.63 3.30 27.41
C PRO A 18 6.32 4.66 27.55
N LYS A 19 7.49 4.66 28.15
CA LYS A 19 8.25 5.89 28.25
C LYS A 19 8.83 6.23 26.89
N TYR A 20 9.59 5.30 26.31
CA TYR A 20 10.10 5.42 24.95
C TYR A 20 9.07 5.92 23.98
N ILE A 21 7.89 5.33 24.09
CA ILE A 21 6.75 5.70 23.27
C ILE A 21 6.34 7.12 23.53
N GLU A 22 6.10 7.46 24.79
CA GLU A 22 5.55 8.76 25.16
C GLU A 22 6.51 9.90 24.74
N HIS A 23 7.79 9.57 24.71
CA HIS A 23 8.82 10.52 24.34
C HIS A 23 8.83 10.83 22.86
N PHE A 24 8.92 9.78 22.04
CA PHE A 24 8.94 9.88 20.58
C PHE A 24 7.63 10.36 19.93
N SER A 25 6.50 10.07 20.56
CA SER A 25 5.25 10.58 20.07
C SER A 25 5.11 12.10 20.30
N LYS A 26 6.11 12.74 20.88
CA LYS A 26 6.12 14.21 20.85
C LYS A 26 6.57 14.74 19.46
N PHE A 27 7.37 13.94 18.77
CA PHE A 27 7.91 14.31 17.48
C PHE A 27 6.86 14.06 16.39
N SER A 28 6.93 14.84 15.32
CA SER A 28 6.06 14.62 14.18
C SER A 28 6.83 13.91 13.07
N PRO A 29 6.22 12.87 12.47
CA PRO A 29 6.96 12.17 11.43
C PRO A 29 7.35 13.11 10.31
N SER A 30 8.46 12.81 9.62
CA SER A 30 8.95 13.63 8.53
C SER A 30 8.75 13.05 7.13
N PRO A 31 7.76 13.57 6.40
CA PRO A 31 7.56 13.08 5.05
C PRO A 31 8.73 13.39 4.15
N LEU A 32 9.01 12.49 3.19
CA LEU A 32 10.03 12.71 2.18
C LEU A 32 9.43 12.77 0.80
N SER A 33 10.10 13.46 -0.11
CA SER A 33 9.73 13.44 -1.50
C SER A 33 10.55 12.37 -2.20
N MET A 34 10.18 12.06 -3.45
CA MET A 34 10.99 11.15 -4.25
C MET A 34 12.36 11.78 -4.41
N LYS A 35 12.40 13.09 -4.58
CA LYS A 35 13.66 13.83 -4.55
C LYS A 35 14.54 13.30 -3.43
N GLN A 36 14.07 13.37 -2.19
CA GLN A 36 14.92 13.05 -1.04
C GLN A 36 15.30 11.58 -1.03
N PHE A 37 14.32 10.73 -1.36
CA PHE A 37 14.56 9.31 -1.49
C PHE A 37 15.66 9.01 -2.53
N LEU A 38 15.49 9.48 -3.75
CA LEU A 38 16.51 9.34 -4.77
C LEU A 38 17.87 9.80 -4.29
N ASP A 39 17.92 10.95 -3.60
CA ASP A 39 19.21 11.56 -3.24
C ASP A 39 19.98 10.72 -2.19
N PHE A 40 19.25 10.04 -1.30
CA PHE A 40 19.85 9.06 -0.35
C PHE A 40 20.58 7.93 -1.05
N GLY A 41 20.36 7.78 -2.37
CA GLY A 41 20.93 6.67 -3.14
C GLY A 41 21.83 7.14 -4.24
N SER A 42 22.88 7.89 -3.90
CA SER A 42 23.95 8.21 -4.86
C SER A 42 25.36 7.85 -4.32
N ALA A 45 27.73 6.48 -1.35
CA ALA A 45 28.44 7.56 -0.67
C ALA A 45 27.87 7.84 0.75
N CYS A 46 26.55 7.67 0.89
CA CYS A 46 25.77 8.26 1.98
C CYS A 46 25.32 7.31 3.13
N GLU A 47 25.74 6.04 3.14
CA GLU A 47 25.13 5.03 4.07
C GLU A 47 24.93 5.56 5.50
N LYS A 48 26.00 6.11 6.04
CA LYS A 48 25.93 6.50 7.43
C LYS A 48 24.94 7.64 7.70
N THR A 49 24.63 8.45 6.67
CA THR A 49 23.57 9.47 6.74
C THR A 49 22.16 8.86 6.86
N SER A 50 21.90 7.83 6.04
CA SER A 50 20.63 7.07 6.08
C SER A 50 20.41 6.54 7.45
N PHE A 51 21.47 5.92 7.99
CA PHE A 51 21.50 5.45 9.38
C PHE A 51 21.11 6.50 10.42
N THR A 52 21.82 7.62 10.52
CA THR A 52 21.49 8.60 11.56
C THR A 52 20.07 9.15 11.40
N PHE A 53 19.55 9.17 10.17
CA PHE A 53 18.17 9.61 9.92
C PHE A 53 17.17 8.60 10.46
N LEU A 54 17.46 7.33 10.22
CA LEU A 54 16.47 6.28 10.41
C LEU A 54 16.35 5.86 11.83
N ARG A 55 17.49 5.80 12.51
CA ARG A 55 17.48 5.57 13.95
C ARG A 55 16.66 6.65 14.66
N GLN A 56 16.58 7.85 14.11
CA GLN A 56 15.68 8.82 14.66
C GLN A 56 14.24 8.57 14.18
N GLU A 57 14.05 8.46 12.87
CA GLU A 57 12.72 8.55 12.28
C GLU A 57 11.85 7.36 12.54
N LEU A 58 12.46 6.17 12.60
CA LEU A 58 11.69 4.93 12.77
C LEU A 58 11.01 4.93 14.11
N PRO A 59 11.79 5.22 15.17
CA PRO A 59 11.13 5.35 16.48
C PRO A 59 9.97 6.35 16.50
N VAL A 60 10.11 7.51 15.84
CA VAL A 60 9.03 8.51 15.78
C VAL A 60 7.77 7.86 15.24
N ARG A 61 7.91 7.28 14.06
CA ARG A 61 6.81 6.69 13.33
C ARG A 61 6.23 5.48 14.01
N LEU A 62 7.10 4.57 14.47
CA LEU A 62 6.70 3.44 15.31
C LEU A 62 5.91 3.93 16.49
N ALA A 63 6.47 4.88 17.21
CA ALA A 63 5.82 5.42 18.42
C ALA A 63 4.47 6.04 18.17
N ASN A 64 4.33 6.78 17.09
CA ASN A 64 3.07 7.44 16.83
C ASN A 64 1.95 6.43 16.62
N ILE A 65 2.24 5.35 15.93
CA ILE A 65 1.15 4.48 15.64
C ILE A 65 0.89 3.66 16.91
N MET A 66 1.95 3.33 17.60
CA MET A 66 1.79 2.67 18.89
C MET A 66 0.98 3.50 19.88
N LYS A 67 1.19 4.81 19.89
CA LYS A 67 0.40 5.68 20.74
C LYS A 67 -1.09 5.56 20.36
N GLU A 68 -1.41 5.46 19.08
CA GLU A 68 -2.83 5.43 18.65
C GLU A 68 -3.48 4.10 18.90
N ILE A 69 -2.72 3.02 18.68
CA ILE A 69 -3.20 1.71 19.07
C ILE A 69 -3.65 1.80 20.55
N ASN A 70 -2.77 2.26 21.44
CA ASN A 70 -3.07 2.18 22.90
C ASN A 70 -4.24 3.09 23.34
N LEU A 71 -4.66 3.99 22.48
CA LEU A 71 -5.90 4.73 22.70
C LEU A 71 -7.17 3.99 22.24
N LEU A 72 -7.06 2.76 21.77
CA LEU A 72 -8.25 1.98 21.44
C LEU A 72 -8.97 1.48 22.72
N PRO A 73 -10.29 1.38 22.67
CA PRO A 73 -11.06 0.91 23.83
C PRO A 73 -10.62 -0.51 24.34
N ASP A 74 -10.73 -0.76 25.65
CA ASP A 74 -10.08 -1.95 26.21
C ASP A 74 -10.67 -3.20 25.60
N ARG A 75 -11.95 -3.15 25.28
CA ARG A 75 -12.57 -4.30 24.65
C ARG A 75 -12.00 -4.64 23.26
N VAL A 76 -11.29 -3.71 22.62
CA VAL A 76 -10.53 -4.05 21.44
C VAL A 76 -9.12 -4.29 21.85
N LEU A 77 -8.50 -3.30 22.49
CA LEU A 77 -7.13 -3.48 22.98
C LEU A 77 -6.81 -4.89 23.45
N SER A 78 -7.70 -5.47 24.22
CA SER A 78 -7.39 -6.70 24.92
C SER A 78 -7.51 -7.96 24.04
N THR A 79 -8.10 -7.85 22.85
CA THR A 79 -8.20 -9.02 21.98
C THR A 79 -6.81 -9.58 21.72
N PRO A 80 -6.70 -10.91 21.53
CA PRO A 80 -5.41 -11.55 21.24
C PRO A 80 -4.71 -10.96 20.02
N SER A 81 -5.49 -10.70 18.97
CA SER A 81 -5.01 -10.16 17.68
C SER A 81 -4.20 -8.90 17.84
N VAL A 82 -4.76 -7.92 18.55
CA VAL A 82 -4.09 -6.65 18.82
C VAL A 82 -2.88 -6.82 19.74
N GLN A 83 -3.08 -7.51 20.86
CA GLN A 83 -2.01 -7.68 21.84
C GLN A 83 -0.81 -8.28 21.12
N LEU A 84 -1.06 -9.22 20.20
CA LEU A 84 0.06 -9.78 19.44
C LEU A 84 0.82 -8.71 18.68
N VAL A 85 0.15 -7.88 17.86
CA VAL A 85 0.94 -6.91 17.12
C VAL A 85 1.55 -5.85 18.06
N GLN A 86 0.82 -5.34 19.04
CA GLN A 86 1.42 -4.42 20.06
C GLN A 86 2.77 -5.03 20.51
N SER A 87 2.88 -6.37 20.58
CA SER A 87 4.10 -7.02 21.02
C SER A 87 5.20 -6.86 19.98
N TRP A 88 4.85 -7.11 18.70
CA TRP A 88 5.82 -6.96 17.60
C TRP A 88 6.40 -5.55 17.48
N TYR A 89 5.50 -4.57 17.45
CA TYR A 89 5.92 -3.18 17.33
C TYR A 89 6.89 -2.85 18.50
N VAL A 90 6.58 -3.27 19.74
CA VAL A 90 7.48 -3.02 20.89
C VAL A 90 8.87 -3.57 20.66
N GLN A 91 9.00 -4.83 20.23
CA GLN A 91 10.33 -5.40 19.97
C GLN A 91 11.07 -4.57 18.95
N SER A 92 10.39 -4.31 17.85
CA SER A 92 10.98 -3.55 16.78
C SER A 92 11.47 -2.19 17.31
N LEU A 93 10.67 -1.53 18.14
CA LEU A 93 11.05 -0.21 18.60
C LEU A 93 12.40 -0.34 19.29
N LEU A 94 12.43 -1.25 20.24
CA LEU A 94 13.60 -1.49 21.04
C LEU A 94 14.77 -1.93 20.18
N ASP A 95 14.57 -2.90 19.28
CA ASP A 95 15.65 -3.38 18.43
C ASP A 95 16.41 -2.20 17.88
N ILE A 96 15.65 -1.16 17.49
CA ILE A 96 16.21 0.07 16.87
C ILE A 96 16.72 1.11 17.89
N MET A 97 16.17 1.07 19.10
CA MET A 97 16.74 1.83 20.21
C MET A 97 18.23 1.47 20.42
N GLU A 98 18.55 0.18 20.43
CA GLU A 98 19.89 -0.27 20.70
C GLU A 98 20.90 0.63 20.03
N PHE A 99 20.55 1.16 18.86
CA PHE A 99 21.51 1.87 18.03
C PHE A 99 21.63 3.36 18.24
N LEU A 100 20.83 3.93 19.14
CA LEU A 100 20.77 5.40 19.27
C LEU A 100 22.07 6.06 19.70
N ASP A 101 22.93 5.33 20.41
CA ASP A 101 24.22 5.87 20.82
C ASP A 101 25.42 5.15 20.19
N LYS A 102 25.18 4.09 19.40
CA LYS A 102 26.28 3.46 18.65
C LYS A 102 26.84 4.48 17.66
N ASP A 103 28.09 4.27 17.23
CA ASP A 103 28.90 5.29 16.54
C ASP A 103 28.94 5.10 15.00
N PRO A 104 28.32 6.04 14.26
CA PRO A 104 28.16 5.99 12.79
C PRO A 104 29.42 5.68 11.99
N GLU A 105 30.59 6.13 12.45
CA GLU A 105 31.84 5.92 11.69
C GLU A 105 32.36 4.47 11.81
N ASP A 106 31.63 3.58 12.51
CA ASP A 106 32.07 2.19 12.62
C ASP A 106 31.44 1.30 11.56
N HIS A 107 32.21 1.01 10.52
CA HIS A 107 31.83 0.07 9.44
C HIS A 107 31.31 -1.29 9.90
N ARG A 108 31.10 -1.47 11.21
CA ARG A 108 30.37 -2.64 11.71
C ARG A 108 29.08 -2.26 12.42
N THR A 109 29.03 -1.09 13.04
CA THR A 109 27.79 -0.58 13.62
C THR A 109 26.72 -0.48 12.53
N LEU A 110 27.14 -0.04 11.34
CA LEU A 110 26.22 0.12 10.20
C LEU A 110 25.68 -1.20 9.69
N SER A 111 26.43 -2.25 9.92
CA SER A 111 26.15 -3.54 9.35
C SER A 111 25.19 -4.38 10.22
N GLN A 112 25.23 -4.23 11.54
CA GLN A 112 24.33 -5.02 12.39
C GLN A 112 23.00 -4.28 12.49
N PHE A 113 23.01 -3.06 12.02
CA PHE A 113 21.81 -2.28 11.88
C PHE A 113 20.95 -2.82 10.75
N THR A 114 21.60 -2.99 9.61
CA THR A 114 20.92 -3.47 8.43
C THR A 114 20.30 -4.87 8.70
N ASP A 115 21.06 -5.74 9.36
CA ASP A 115 20.57 -7.05 9.76
C ASP A 115 19.33 -6.85 10.62
N ALA A 116 19.47 -5.95 11.60
CA ALA A 116 18.39 -5.57 12.50
C ALA A 116 17.11 -5.11 11.79
N LEU A 117 17.26 -4.36 10.70
CA LEU A 117 16.10 -3.95 9.94
C LEU A 117 15.44 -5.13 9.23
N VAL A 118 16.24 -6.09 8.77
CA VAL A 118 15.65 -7.18 8.03
C VAL A 118 14.85 -8.04 9.01
N THR A 119 15.50 -8.44 10.10
CA THR A 119 14.85 -9.13 11.20
C THR A 119 13.50 -8.53 11.58
N ILE A 120 13.42 -7.20 11.49
CA ILE A 120 12.18 -6.49 11.81
C ILE A 120 11.19 -6.58 10.67
N ARG A 121 11.68 -6.62 9.44
CA ARG A 121 10.81 -6.76 8.30
C ARG A 121 10.03 -8.10 8.39
N ASN A 122 10.67 -9.15 8.90
CA ASN A 122 10.10 -10.51 8.90
C ASN A 122 9.05 -10.74 9.99
N ARG A 123 9.34 -10.21 11.17
CA ARG A 123 8.36 -10.16 12.27
C ARG A 123 6.95 -9.67 11.84
N HIS A 124 6.95 -8.70 10.92
CA HIS A 124 5.77 -7.87 10.63
C HIS A 124 4.90 -8.35 9.48
N ASN A 125 5.25 -9.46 8.84
CA ASN A 125 4.56 -9.83 7.60
C ASN A 125 3.10 -10.21 7.74
N ASP A 126 2.77 -10.89 8.84
CA ASP A 126 1.45 -11.52 8.96
C ASP A 126 0.45 -10.59 9.63
N VAL A 127 0.68 -9.30 9.45
CA VAL A 127 -0.03 -8.27 10.20
C VAL A 127 -1.40 -8.12 9.61
N VAL A 128 -1.51 -8.28 8.30
CA VAL A 128 -2.81 -8.14 7.65
C VAL A 128 -3.74 -9.25 8.14
N PRO A 129 -3.36 -10.52 7.94
CA PRO A 129 -4.26 -11.58 8.36
C PRO A 129 -4.56 -11.59 9.85
N THR A 130 -3.64 -11.04 10.66
CA THR A 130 -3.86 -10.85 12.11
C THR A 130 -4.94 -9.83 12.46
N MET A 131 -4.94 -8.70 11.77
CA MET A 131 -5.90 -7.65 12.09
C MET A 131 -7.29 -8.10 11.71
N ALA A 132 -7.34 -8.85 10.62
CA ALA A 132 -8.60 -9.39 10.10
C ALA A 132 -9.26 -10.20 11.20
N GLN A 133 -8.44 -10.95 11.93
CA GLN A 133 -8.96 -11.78 12.97
C GLN A 133 -9.58 -10.88 14.08
N GLY A 134 -8.89 -9.82 14.47
CA GLY A 134 -9.49 -8.82 15.36
C GLY A 134 -10.77 -8.19 14.84
N VAL A 135 -10.76 -7.87 13.56
CA VAL A 135 -11.97 -7.35 12.93
C VAL A 135 -13.10 -8.35 13.04
N LEU A 136 -12.76 -9.60 12.86
CA LEU A 136 -13.73 -10.68 12.79
C LEU A 136 -14.31 -10.94 14.18
N GLU A 137 -13.43 -11.08 15.17
CA GLU A 137 -13.86 -11.24 16.54
C GLU A 137 -14.75 -10.07 16.90
N TYR A 138 -14.27 -8.86 16.64
CA TYR A 138 -15.11 -7.69 16.92
C TYR A 138 -16.51 -7.74 16.25
N LYS A 139 -16.62 -8.23 15.02
CA LYS A 139 -17.91 -8.24 14.30
C LYS A 139 -18.91 -9.19 14.99
N ASP A 140 -18.39 -10.33 15.45
CA ASP A 140 -19.23 -11.35 16.06
C ASP A 140 -19.35 -11.15 17.55
N THR A 141 -18.52 -10.31 18.12
CA THR A 141 -18.49 -10.19 19.55
C THR A 141 -19.21 -8.90 20.01
N TYR A 142 -19.23 -7.87 19.15
CA TYR A 142 -19.91 -6.58 19.44
C TYR A 142 -20.87 -6.03 18.32
N GLY A 143 -20.67 -6.44 17.06
CA GLY A 143 -21.65 -6.16 15.97
C GLY A 143 -21.01 -5.48 14.79
N ASP A 144 -21.79 -5.33 13.71
CA ASP A 144 -21.33 -4.61 12.48
C ASP A 144 -22.19 -3.38 12.17
N ASP A 145 -22.48 -2.58 13.18
CA ASP A 145 -23.20 -1.33 12.97
C ASP A 145 -22.32 -0.28 12.24
N PRO A 146 -22.96 0.69 11.56
CA PRO A 146 -22.20 1.71 10.83
C PRO A 146 -21.20 2.48 11.67
N VAL A 147 -21.50 2.74 12.95
CA VAL A 147 -20.59 3.52 13.80
C VAL A 147 -19.31 2.74 14.15
N SER A 148 -19.43 1.42 14.24
CA SER A 148 -18.27 0.55 14.35
C SER A 148 -17.42 0.65 13.11
N ASN A 149 -18.06 0.48 11.96
CA ASN A 149 -17.39 0.55 10.67
C ASN A 149 -16.58 1.85 10.45
N GLN A 150 -17.11 2.99 10.89
CA GLN A 150 -16.35 4.25 10.80
C GLN A 150 -15.08 4.20 11.65
N ASN A 151 -15.19 3.66 12.86
CA ASN A 151 -14.03 3.56 13.71
C ASN A 151 -12.97 2.60 13.18
N ILE A 152 -13.38 1.43 12.75
CA ILE A 152 -12.44 0.49 12.17
C ILE A 152 -11.78 1.07 10.92
N GLN A 153 -12.59 1.58 10.02
CA GLN A 153 -12.09 2.23 8.81
C GLN A 153 -11.10 3.31 9.16
N TYR A 154 -11.47 4.14 10.12
CA TYR A 154 -10.60 5.20 10.52
C TYR A 154 -9.21 4.64 10.94
N PHE A 155 -9.23 3.72 11.91
CA PHE A 155 -8.04 3.22 12.50
C PHE A 155 -7.20 2.37 11.54
N LEU A 156 -7.81 1.57 10.68
CA LEU A 156 -6.97 0.73 9.81
C LEU A 156 -6.33 1.56 8.71
N ASP A 157 -7.05 2.55 8.21
CA ASP A 157 -6.51 3.32 7.10
C ASP A 157 -5.23 3.99 7.56
N ARG A 158 -5.22 4.43 8.83
CA ARG A 158 -4.06 5.10 9.40
C ARG A 158 -2.94 4.11 9.72
N PHE A 159 -3.32 3.03 10.34
CA PHE A 159 -2.40 2.00 10.71
C PHE A 159 -1.67 1.43 9.50
N TYR A 160 -2.48 1.01 8.53
CA TYR A 160 -1.95 0.44 7.33
C TYR A 160 -1.14 1.47 6.61
N LEU A 161 -1.60 2.71 6.58
CA LEU A 161 -0.76 3.75 5.94
C LEU A 161 0.57 3.81 6.69
N SER A 162 0.57 4.17 7.98
CA SER A 162 1.81 4.13 8.76
C SER A 162 2.68 2.98 8.37
N ARG A 163 2.12 1.78 8.36
CA ARG A 163 2.93 0.59 8.15
C ARG A 163 3.61 0.64 6.78
N ILE A 164 2.87 1.05 5.75
CA ILE A 164 3.46 1.23 4.42
C ILE A 164 4.66 2.18 4.48
N SER A 165 4.53 3.29 5.23
CA SER A 165 5.62 4.30 5.30
C SER A 165 6.87 3.74 5.95
N ILE A 166 6.71 2.94 6.97
CA ILE A 166 7.84 2.28 7.59
C ILE A 166 8.49 1.29 6.61
N ARG A 167 7.68 0.52 5.88
CA ARG A 167 8.26 -0.50 4.99
C ARG A 167 9.09 0.20 3.94
N MET A 168 8.50 1.25 3.35
CA MET A 168 9.19 2.11 2.41
C MET A 168 10.61 2.49 2.87
N LEU A 169 10.76 2.91 4.12
CA LEU A 169 12.04 3.31 4.60
C LEU A 169 12.94 2.11 4.69
N ILE A 170 12.42 1.08 5.31
CA ILE A 170 13.24 -0.08 5.54
C ILE A 170 13.73 -0.66 4.23
N ASN A 171 12.83 -0.87 3.28
CA ASN A 171 13.28 -1.44 2.02
C ASN A 171 14.29 -0.51 1.38
N GLN A 172 13.98 0.76 1.30
CA GLN A 172 14.96 1.74 0.76
C GLN A 172 16.38 1.53 1.27
N HIS A 173 16.53 1.35 2.59
CA HIS A 173 17.84 1.04 3.17
C HIS A 173 18.45 -0.31 2.75
N THR A 174 17.76 -1.40 3.10
CA THR A 174 18.30 -2.73 2.90
C THR A 174 18.65 -2.97 1.42
N LEU A 175 17.78 -2.50 0.53
CA LEU A 175 17.97 -2.57 -0.93
C LEU A 175 19.16 -1.76 -1.47
N ILE A 176 19.47 -0.61 -0.88
CA ILE A 176 20.62 0.16 -1.33
C ILE A 176 21.93 -0.36 -0.75
N PHE A 177 21.99 -0.51 0.57
CA PHE A 177 23.24 -0.85 1.25
C PHE A 177 23.36 -2.31 1.71
N ASP A 178 23.43 -3.24 0.75
CA ASP A 178 23.50 -4.68 1.05
C ASP A 178 24.91 -5.17 1.47
N PRO A 186 23.52 3.16 -10.72
CA PRO A 186 22.62 3.40 -11.85
C PRO A 186 21.22 2.77 -11.70
N LYS A 187 20.45 2.83 -12.80
CA LYS A 187 19.01 2.45 -12.94
C LYS A 187 18.07 2.57 -11.71
N HIS A 188 17.56 1.45 -11.18
CA HIS A 188 16.62 1.46 -10.08
C HIS A 188 17.34 1.96 -8.82
N ILE A 189 16.66 2.71 -7.96
CA ILE A 189 17.26 3.24 -6.73
C ILE A 189 16.45 2.70 -5.60
N GLY A 190 16.72 1.46 -5.27
CA GLY A 190 15.97 0.76 -4.24
C GLY A 190 14.69 0.22 -4.84
N SER A 191 13.56 0.58 -4.24
CA SER A 191 12.24 0.19 -4.74
C SER A 191 11.69 1.17 -5.79
N ILE A 192 12.34 2.33 -5.93
CA ILE A 192 11.97 3.36 -6.92
C ILE A 192 12.57 3.11 -8.30
N ASP A 193 11.79 3.39 -9.36
CA ASP A 193 12.27 3.37 -10.77
C ASP A 193 12.12 4.76 -11.38
N PRO A 194 13.18 5.57 -11.39
CA PRO A 194 13.04 6.93 -11.90
C PRO A 194 12.67 7.02 -13.35
N ASN A 195 12.73 5.92 -14.07
CA ASN A 195 12.20 5.87 -15.41
C ASN A 195 11.13 4.75 -15.56
N CYS A 196 10.18 4.65 -14.61
CA CYS A 196 9.06 3.66 -14.65
C CYS A 196 8.17 3.81 -15.87
N ASN A 197 8.06 2.74 -16.64
CA ASN A 197 7.28 2.76 -17.84
C ASN A 197 5.91 2.22 -17.52
N VAL A 198 4.94 3.11 -17.36
CA VAL A 198 3.62 2.72 -16.88
C VAL A 198 2.94 1.60 -17.68
N SER A 199 3.01 1.68 -19.01
CA SER A 199 2.46 0.67 -19.90
C SER A 199 2.95 -0.75 -19.62
N GLU A 200 4.26 -0.83 -19.40
CA GLU A 200 4.93 -2.10 -19.02
C GLU A 200 4.30 -2.66 -17.74
N VAL A 201 4.18 -1.83 -16.71
CA VAL A 201 3.65 -2.31 -15.45
C VAL A 201 2.22 -2.78 -15.60
N VAL A 202 1.48 -2.04 -16.39
CA VAL A 202 0.16 -2.47 -16.79
C VAL A 202 0.17 -3.81 -17.50
N LYS A 203 1.02 -3.97 -18.53
CA LYS A 203 1.00 -5.25 -19.29
C LYS A 203 1.32 -6.45 -18.38
N ASP A 204 2.25 -6.30 -17.43
CA ASP A 204 2.64 -7.45 -16.61
C ASP A 204 1.55 -7.80 -15.63
N ALA A 205 0.91 -6.77 -15.08
CA ALA A 205 -0.13 -7.04 -14.10
C ALA A 205 -1.18 -7.80 -14.82
N TYR A 206 -1.58 -7.30 -15.99
CA TYR A 206 -2.51 -8.05 -16.85
C TYR A 206 -2.09 -9.50 -17.15
N ASP A 207 -0.85 -9.72 -17.65
CA ASP A 207 -0.41 -11.07 -18.11
C ASP A 207 -0.59 -12.07 -16.93
N MET A 208 -0.12 -11.67 -15.75
CA MET A 208 -0.27 -12.44 -14.52
C MET A 208 -1.70 -12.59 -14.05
N ALA A 209 -2.44 -11.50 -14.00
CA ALA A 209 -3.86 -11.70 -13.77
C ALA A 209 -4.44 -12.72 -14.80
N LYS A 210 -4.12 -12.54 -16.10
CA LYS A 210 -4.66 -13.38 -17.23
C LYS A 210 -4.39 -14.84 -16.97
N LEU A 211 -3.17 -15.09 -16.56
CA LEU A 211 -2.71 -16.39 -16.11
C LEU A 211 -3.68 -17.00 -15.09
N LEU A 212 -3.80 -16.41 -13.90
CA LEU A 212 -4.74 -16.95 -12.89
C LEU A 212 -6.18 -17.05 -13.39
N CYS A 213 -6.56 -16.19 -14.33
CA CYS A 213 -7.94 -16.19 -14.85
C CYS A 213 -8.13 -17.39 -15.76
N ASP A 214 -7.20 -17.54 -16.71
CA ASP A 214 -7.21 -18.70 -17.61
C ASP A 214 -7.23 -20.01 -16.84
N LYS A 215 -6.56 -20.05 -15.69
CA LYS A 215 -6.47 -21.28 -14.86
C LYS A 215 -7.81 -21.61 -14.30
N TYR A 216 -8.36 -20.69 -13.54
CA TYR A 216 -9.58 -20.96 -12.81
C TYR A 216 -10.84 -20.79 -13.63
N TYR A 217 -10.79 -20.21 -14.82
CA TYR A 217 -12.04 -19.96 -15.59
C TYR A 217 -12.09 -20.53 -17.01
N MET A 218 -10.97 -20.58 -17.71
CA MET A 218 -10.99 -21.11 -19.09
C MET A 218 -11.82 -20.20 -20.08
N ALA A 219 -11.75 -18.90 -19.78
CA ALA A 219 -11.80 -17.77 -20.72
C ALA A 219 -11.23 -16.50 -20.02
N SER A 220 -10.88 -15.48 -20.79
CA SER A 220 -10.23 -14.33 -20.20
C SER A 220 -10.25 -13.12 -21.14
N PRO A 221 -10.58 -11.96 -20.61
CA PRO A 221 -10.69 -10.80 -21.48
C PRO A 221 -9.37 -10.41 -22.04
N ASP A 222 -9.39 -9.75 -23.17
CA ASP A 222 -8.21 -9.15 -23.73
C ASP A 222 -8.00 -7.77 -23.09
N LEU A 223 -6.92 -7.08 -23.49
CA LEU A 223 -6.55 -5.81 -22.90
C LEU A 223 -6.33 -4.77 -23.95
N GLU A 224 -7.05 -3.65 -23.90
CA GLU A 224 -6.73 -2.54 -24.79
C GLU A 224 -6.11 -1.38 -24.02
N ILE A 225 -4.80 -1.21 -24.14
CA ILE A 225 -4.12 -0.04 -23.58
C ILE A 225 -4.21 1.08 -24.61
N GLN A 226 -4.32 2.32 -24.15
CA GLN A 226 -4.29 3.51 -24.96
C GLN A 226 -3.61 4.57 -24.09
N GLU A 227 -2.82 5.43 -24.71
CA GLU A 227 -2.10 6.40 -23.92
C GLU A 227 -2.51 7.79 -24.40
N ILE A 228 -2.33 8.79 -23.55
CA ILE A 228 -2.55 10.16 -23.94
C ILE A 228 -1.46 10.96 -23.28
N ASN A 229 -0.51 11.47 -24.05
CA ASN A 229 0.48 12.37 -23.49
C ASN A 229 0.19 13.77 -23.99
N ALA A 230 -0.48 14.55 -23.14
CA ALA A 230 -1.00 15.84 -23.53
C ALA A 230 0.15 16.73 -23.93
N ALA A 231 1.06 17.00 -22.98
CA ALA A 231 2.27 17.82 -23.25
C ALA A 231 2.96 17.36 -24.53
N ASN A 232 3.47 16.14 -24.50
CA ASN A 232 4.16 15.61 -25.65
C ASN A 232 3.37 14.58 -26.36
N SER A 233 2.39 15.09 -27.10
CA SER A 233 1.86 14.44 -28.28
C SER A 233 1.94 12.92 -28.32
N LYS A 234 3.13 12.35 -28.23
CA LYS A 234 3.32 10.93 -28.54
C LYS A 234 4.46 10.17 -27.80
N GLN A 235 5.19 10.80 -26.85
CA GLN A 235 6.23 10.06 -26.09
C GLN A 235 5.59 8.91 -25.30
N PRO A 236 6.27 7.76 -25.24
CA PRO A 236 5.89 6.83 -24.16
C PRO A 236 5.82 7.54 -22.77
N ILE A 237 4.87 7.14 -21.93
CA ILE A 237 4.65 7.82 -20.65
C ILE A 237 5.47 7.16 -19.57
N HIS A 238 6.52 7.87 -19.17
CA HIS A 238 7.43 7.42 -18.11
C HIS A 238 7.14 8.23 -16.85
N MET A 239 7.51 7.71 -15.68
CA MET A 239 7.40 8.46 -14.42
C MET A 239 8.41 8.01 -13.33
N VAL A 240 8.51 8.79 -12.27
CA VAL A 240 9.24 8.36 -11.07
C VAL A 240 8.23 7.73 -10.12
N TYR A 241 8.38 6.46 -9.77
CA TYR A 241 7.44 5.83 -8.84
C TYR A 241 8.07 4.60 -8.23
N VAL A 242 7.29 3.90 -7.42
CA VAL A 242 7.69 2.65 -6.81
C VAL A 242 6.90 1.60 -7.55
N PRO A 243 7.52 0.89 -8.48
CA PRO A 243 6.69 0.10 -9.37
C PRO A 243 5.97 -1.03 -8.70
N SER A 244 6.55 -1.57 -7.62
CA SER A 244 5.88 -2.64 -6.86
C SER A 244 4.53 -2.20 -6.35
N HIS A 245 4.45 -0.96 -5.87
CA HIS A 245 3.16 -0.44 -5.40
C HIS A 245 2.20 -0.44 -6.55
N LEU A 246 2.66 0.02 -7.71
CA LEU A 246 1.76 0.23 -8.82
C LEU A 246 1.36 -1.08 -9.39
N TYR A 247 2.22 -2.08 -9.26
CA TYR A 247 1.86 -3.42 -9.73
C TYR A 247 0.78 -3.97 -8.80
N HIS A 248 1.00 -3.96 -7.49
CA HIS A 248 -0.05 -4.38 -6.53
C HIS A 248 -1.44 -3.83 -6.87
N MET A 249 -1.47 -2.53 -7.22
CA MET A 249 -2.69 -1.83 -7.41
C MET A 249 -3.30 -2.39 -8.64
N LEU A 250 -2.58 -2.29 -9.75
CA LEU A 250 -3.11 -2.76 -11.04
C LEU A 250 -3.57 -4.21 -10.98
N PHE A 251 -2.75 -5.06 -10.39
CA PHE A 251 -3.12 -6.46 -10.21
C PHE A 251 -4.48 -6.53 -9.54
N GLU A 252 -4.65 -5.89 -8.38
CA GLU A 252 -5.91 -6.05 -7.65
C GLU A 252 -7.06 -5.73 -8.59
N LEU A 253 -6.96 -4.62 -9.31
CA LEU A 253 -8.00 -4.21 -10.21
C LEU A 253 -8.26 -5.19 -11.33
N PHE A 254 -7.23 -5.60 -12.03
CA PHE A 254 -7.41 -6.54 -13.12
C PHE A 254 -8.13 -7.79 -12.62
N LYS A 255 -7.68 -8.34 -11.52
CA LYS A 255 -8.38 -9.47 -10.94
C LYS A 255 -9.88 -9.18 -10.76
N ASN A 256 -10.21 -8.04 -10.18
CA ASN A 256 -11.62 -7.69 -9.99
C ASN A 256 -12.37 -7.59 -11.31
N ALA A 257 -11.78 -6.92 -12.28
CA ALA A 257 -12.43 -6.77 -13.58
C ALA A 257 -12.63 -8.13 -14.30
N MET A 258 -11.64 -9.00 -14.19
CA MET A 258 -11.67 -10.23 -14.95
C MET A 258 -12.76 -11.11 -14.38
N ARG A 259 -12.74 -11.28 -13.07
CA ARG A 259 -13.78 -12.05 -12.40
C ARG A 259 -15.17 -11.61 -12.86
N ALA A 260 -15.45 -10.32 -12.69
CA ALA A 260 -16.76 -9.80 -13.06
C ALA A 260 -17.05 -9.97 -14.54
N THR A 261 -16.07 -9.69 -15.41
CA THR A 261 -16.33 -9.81 -16.85
C THR A 261 -16.66 -11.26 -17.18
N VAL A 262 -15.82 -12.16 -16.68
CA VAL A 262 -15.95 -13.55 -17.07
C VAL A 262 -17.24 -14.13 -16.53
N GLU A 263 -17.55 -13.94 -15.26
CA GLU A 263 -18.80 -14.52 -14.72
C GLU A 263 -20.07 -13.85 -15.25
N SER A 264 -19.96 -12.59 -15.65
CA SER A 264 -21.15 -11.93 -16.05
C SER A 264 -21.54 -12.44 -17.42
N HIS A 265 -20.59 -13.05 -18.15
CA HIS A 265 -20.90 -13.51 -19.49
C HIS A 265 -20.78 -15.00 -19.70
N GLU A 266 -20.84 -15.80 -18.63
CA GLU A 266 -20.87 -17.27 -18.77
C GLU A 266 -21.95 -17.75 -19.78
N SER A 267 -23.20 -17.32 -19.56
CA SER A 267 -24.33 -17.62 -20.47
C SER A 267 -24.11 -17.17 -21.91
N SER A 268 -23.39 -16.08 -22.12
CA SER A 268 -23.15 -15.58 -23.48
C SER A 268 -21.77 -15.93 -24.04
N LEU A 269 -21.55 -15.62 -25.30
CA LEU A 269 -20.35 -16.04 -25.99
C LEU A 269 -19.27 -14.94 -25.97
N ILE A 270 -19.49 -13.94 -26.83
CA ILE A 270 -18.72 -12.68 -26.86
C ILE A 270 -18.30 -12.11 -25.48
N LEU A 271 -16.99 -11.78 -25.34
CA LEU A 271 -16.34 -11.41 -24.06
C LEU A 271 -15.56 -10.11 -24.20
N PRO A 272 -16.10 -9.02 -23.63
CA PRO A 272 -15.46 -7.75 -23.91
C PRO A 272 -14.11 -7.68 -23.26
N PRO A 273 -13.21 -6.95 -23.90
CA PRO A 273 -11.93 -6.73 -23.28
C PRO A 273 -12.03 -5.71 -22.15
N ILE A 274 -11.04 -5.77 -21.29
CA ILE A 274 -10.74 -4.67 -20.40
C ILE A 274 -9.88 -3.58 -21.07
N LYS A 275 -10.36 -2.32 -21.07
CA LYS A 275 -9.59 -1.23 -21.68
C LYS A 275 -8.97 -0.42 -20.61
N VAL A 276 -7.77 0.04 -20.85
CA VAL A 276 -7.09 0.89 -19.93
C VAL A 276 -6.71 2.11 -20.71
N MET A 277 -6.79 3.27 -20.06
CA MET A 277 -6.16 4.43 -20.60
C MET A 277 -5.22 5.02 -19.56
N VAL A 278 -4.12 5.54 -20.07
CA VAL A 278 -3.10 6.05 -19.25
C VAL A 278 -2.88 7.44 -19.76
N ALA A 279 -3.22 8.44 -18.95
CA ALA A 279 -3.28 9.84 -19.34
C ALA A 279 -2.32 10.71 -18.54
N LEU A 280 -1.39 11.36 -19.22
CA LEU A 280 -0.45 12.28 -18.58
C LEU A 280 -0.85 13.75 -18.78
N GLY A 281 -1.27 14.43 -17.70
CA GLY A 281 -1.52 15.89 -17.68
C GLY A 281 -0.38 16.67 -17.00
N GLU A 282 -0.62 17.94 -16.67
CA GLU A 282 0.44 18.82 -16.11
C GLU A 282 0.64 18.52 -14.64
N GLU A 283 -0.27 17.80 -14.00
CA GLU A 283 0.02 17.36 -12.64
C GLU A 283 -0.44 15.94 -12.27
N ASP A 284 -1.51 15.47 -12.91
CA ASP A 284 -1.99 14.15 -12.65
C ASP A 284 -1.52 13.20 -13.75
N LEU A 285 -1.00 12.04 -13.35
CA LEU A 285 -0.92 10.90 -14.25
C LEU A 285 -1.94 9.90 -13.78
N SER A 286 -2.93 9.60 -14.62
CA SER A 286 -4.15 8.87 -14.26
C SER A 286 -4.30 7.54 -15.01
N ILE A 287 -5.03 6.56 -14.47
CA ILE A 287 -5.07 5.24 -15.09
C ILE A 287 -6.44 4.66 -14.87
N LYS A 288 -7.29 4.84 -15.88
CA LYS A 288 -8.63 4.29 -15.87
C LYS A 288 -8.59 2.86 -16.36
N MET A 289 -9.33 1.96 -15.73
CA MET A 289 -9.50 0.59 -16.20
C MET A 289 -10.99 0.29 -16.24
N SER A 290 -11.51 0.06 -17.44
CA SER A 290 -12.95 -0.05 -17.70
C SER A 290 -13.34 -1.46 -18.00
N ASP A 291 -14.30 -2.00 -17.26
CA ASP A 291 -14.86 -3.33 -17.59
C ASP A 291 -16.33 -3.25 -18.00
N ARG A 292 -16.78 -4.19 -18.82
CA ARG A 292 -18.18 -4.32 -19.08
C ARG A 292 -18.66 -5.56 -18.31
N GLY A 293 -18.50 -5.54 -16.98
CA GLY A 293 -18.83 -6.71 -16.12
C GLY A 293 -20.15 -6.69 -15.40
N GLY A 294 -20.97 -5.67 -15.60
CA GLY A 294 -22.34 -5.71 -15.05
C GLY A 294 -22.53 -4.81 -13.87
N GLY A 295 -21.42 -4.46 -13.25
CA GLY A 295 -21.38 -3.27 -12.47
C GLY A 295 -21.90 -3.53 -11.09
N VAL A 296 -21.90 -2.44 -10.33
CA VAL A 296 -22.39 -2.41 -8.95
C VAL A 296 -23.39 -1.27 -8.74
N PRO A 297 -24.43 -1.50 -7.96
CA PRO A 297 -25.28 -0.37 -7.70
C PRO A 297 -24.62 0.60 -6.75
N LEU A 298 -24.78 1.89 -7.02
CA LEU A 298 -24.11 2.94 -6.22
C LEU A 298 -24.12 2.69 -4.71
N ARG A 299 -25.21 2.17 -4.19
CA ARG A 299 -25.36 1.96 -2.78
C ARG A 299 -24.32 0.99 -2.20
N LYS A 300 -23.98 -0.06 -2.96
CA LYS A 300 -23.03 -1.06 -2.46
C LYS A 300 -21.54 -0.73 -2.70
N ILE A 301 -21.23 0.39 -3.32
CA ILE A 301 -19.86 0.68 -3.69
C ILE A 301 -18.92 1.00 -2.51
N GLU A 302 -19.30 1.87 -1.57
CA GLU A 302 -18.47 2.16 -0.39
C GLU A 302 -18.10 0.85 0.36
N ARG A 303 -19.00 -0.15 0.33
CA ARG A 303 -18.77 -1.44 0.98
C ARG A 303 -17.45 -2.06 0.58
N LEU A 304 -17.11 -1.93 -0.71
CA LEU A 304 -15.92 -2.59 -1.27
C LEU A 304 -14.64 -2.04 -0.68
N PHE A 305 -14.71 -0.87 -0.04
CA PHE A 305 -13.56 -0.26 0.58
C PHE A 305 -13.48 -0.44 2.10
N SER A 306 -14.44 -1.14 2.65
CA SER A 306 -14.55 -1.22 4.06
C SER A 306 -13.91 -2.49 4.50
N TYR A 307 -13.03 -2.40 5.48
CA TYR A 307 -12.39 -3.58 5.99
C TYR A 307 -13.40 -4.54 6.61
N MET A 308 -14.35 -3.95 7.34
CA MET A 308 -15.36 -4.75 8.03
C MET A 308 -16.29 -5.50 7.07
N TYR A 309 -17.06 -4.77 6.25
CA TYR A 309 -18.05 -5.39 5.36
C TYR A 309 -17.39 -6.34 4.36
N SER A 310 -16.06 -6.25 4.23
CA SER A 310 -15.32 -7.10 3.32
C SER A 310 -14.47 -8.20 3.97
N THR A 311 -14.45 -8.31 5.30
CA THR A 311 -13.80 -9.47 5.96
C THR A 311 -14.89 -10.53 6.30
N ALA A 312 -14.56 -11.80 6.07
CA ALA A 312 -15.33 -12.96 6.56
C ALA A 312 -14.41 -14.20 6.62
N PRO A 313 -14.89 -15.32 7.21
CA PRO A 313 -14.13 -16.57 7.18
C PRO A 313 -14.86 -17.64 6.36
N PRO A 323 -13.21 -17.35 -5.99
CA PRO A 323 -12.33 -18.38 -6.65
C PRO A 323 -10.82 -18.02 -6.66
N LEU A 324 -10.46 -16.97 -7.40
CA LEU A 324 -9.17 -16.27 -7.28
C LEU A 324 -9.26 -15.09 -6.29
N ALA A 325 -10.01 -15.28 -5.21
CA ALA A 325 -10.13 -14.28 -4.17
C ALA A 325 -8.90 -14.24 -3.25
N GLY A 326 -8.03 -15.26 -3.32
CA GLY A 326 -6.83 -15.35 -2.44
C GLY A 326 -5.63 -14.49 -2.84
N PHE A 327 -5.74 -13.84 -3.99
CA PHE A 327 -4.62 -13.11 -4.53
C PHE A 327 -4.88 -11.63 -4.38
N GLY A 328 -3.81 -10.87 -4.26
CA GLY A 328 -3.90 -9.43 -4.32
C GLY A 328 -4.05 -8.86 -2.95
N TYR A 329 -3.74 -7.54 -2.88
CA TYR A 329 -3.48 -6.83 -1.61
C TYR A 329 -4.72 -6.38 -0.85
N GLY A 330 -5.88 -6.40 -1.54
CA GLY A 330 -7.14 -5.86 -1.01
C GLY A 330 -7.40 -4.58 -1.76
N LEU A 331 -8.67 -4.22 -1.87
CA LEU A 331 -9.03 -2.89 -2.41
C LEU A 331 -8.71 -1.68 -1.51
N PRO A 332 -8.95 -1.79 -0.21
CA PRO A 332 -8.66 -0.66 0.65
C PRO A 332 -7.18 -0.38 0.73
N ILE A 333 -6.41 -1.44 0.73
CA ILE A 333 -4.97 -1.31 0.84
C ILE A 333 -4.36 -0.76 -0.44
N SER A 334 -4.96 -1.09 -1.58
CA SER A 334 -4.51 -0.58 -2.87
C SER A 334 -4.69 0.92 -2.84
N ARG A 335 -5.86 1.32 -2.39
CA ARG A 335 -6.13 2.73 -2.28
C ARG A 335 -5.16 3.48 -1.37
N LEU A 336 -4.75 2.86 -0.29
CA LEU A 336 -3.79 3.56 0.55
C LEU A 336 -2.55 3.72 -0.25
N TYR A 337 -2.20 2.73 -1.09
CA TYR A 337 -0.87 2.80 -1.72
C TYR A 337 -0.83 4.05 -2.58
N ALA A 338 -1.99 4.40 -3.15
CA ALA A 338 -2.13 5.57 -4.00
C ALA A 338 -2.13 6.87 -3.22
N LYS A 339 -2.89 6.89 -2.15
CA LYS A 339 -2.82 8.02 -1.28
C LYS A 339 -1.39 8.22 -0.75
N TYR A 340 -0.62 7.16 -0.54
CA TYR A 340 0.76 7.26 0.02
C TYR A 340 1.71 8.31 -0.60
N PHE A 341 1.60 8.51 -1.91
CA PHE A 341 2.27 9.61 -2.58
C PHE A 341 1.25 10.55 -3.21
N GLN A 342 0.34 11.01 -2.38
CA GLN A 342 -0.66 12.04 -2.72
C GLN A 342 -1.60 11.64 -3.83
N GLY A 343 -1.69 10.37 -4.20
CA GLY A 343 -2.69 9.97 -5.22
C GLY A 343 -4.06 9.63 -4.65
N ASP A 344 -4.83 8.87 -5.40
CA ASP A 344 -6.08 8.30 -4.89
C ASP A 344 -6.43 7.15 -5.85
N LEU A 345 -7.43 6.38 -5.49
CA LEU A 345 -7.91 5.30 -6.32
C LEU A 345 -9.40 5.28 -6.14
N GLN A 346 -10.19 5.47 -7.21
CA GLN A 346 -11.64 5.60 -7.07
C GLN A 346 -12.37 4.63 -8.00
N LEU A 347 -13.57 4.23 -7.59
CA LEU A 347 -14.37 3.36 -8.36
C LEU A 347 -15.62 4.12 -8.71
N PHE A 348 -16.01 4.08 -9.96
CA PHE A 348 -17.38 4.43 -10.28
C PHE A 348 -17.94 3.47 -11.35
N SER A 349 -19.21 3.15 -11.21
CA SER A 349 -19.79 2.04 -11.93
C SER A 349 -21.16 2.44 -12.46
N MET A 350 -21.69 1.56 -13.33
CA MET A 350 -22.98 1.73 -13.97
C MET A 350 -23.70 0.40 -14.01
N GLU A 351 -24.62 0.22 -13.09
CA GLU A 351 -25.26 -1.06 -12.88
C GLU A 351 -25.93 -1.42 -14.17
N GLY A 352 -25.70 -2.64 -14.63
CA GLY A 352 -26.24 -3.14 -15.89
C GLY A 352 -25.18 -3.16 -16.98
N PHE A 353 -24.01 -2.61 -16.70
CA PHE A 353 -23.03 -2.39 -17.73
C PHE A 353 -21.63 -2.69 -17.24
N GLY A 354 -21.15 -1.96 -16.24
CA GLY A 354 -19.81 -2.20 -15.73
C GLY A 354 -19.16 -1.07 -14.96
N THR A 355 -17.87 -1.19 -14.75
CA THR A 355 -17.16 -0.39 -13.78
C THR A 355 -15.86 0.22 -14.24
N ASP A 356 -15.71 1.50 -13.92
CA ASP A 356 -14.45 2.17 -14.11
C ASP A 356 -13.72 2.27 -12.79
N ALA A 357 -12.41 2.20 -12.90
CA ALA A 357 -11.56 2.24 -11.73
C ALA A 357 -10.39 3.03 -12.15
N VAL A 358 -9.97 3.97 -11.32
CA VAL A 358 -9.01 4.98 -11.76
C VAL A 358 -7.92 5.11 -10.71
N ILE A 359 -6.67 5.16 -11.11
CA ILE A 359 -5.61 5.43 -10.18
C ILE A 359 -5.09 6.77 -10.51
N TYR A 360 -5.07 7.64 -9.51
CA TYR A 360 -4.63 9.02 -9.69
C TYR A 360 -3.25 9.14 -9.04
N LEU A 361 -2.23 9.53 -9.82
CA LEU A 361 -0.87 9.73 -9.30
C LEU A 361 -0.36 11.13 -9.56
N LYS A 362 0.69 11.54 -8.90
CA LYS A 362 1.29 12.82 -9.23
C LYS A 362 2.24 12.64 -10.37
N ALA A 363 2.06 13.43 -11.42
CA ALA A 363 2.98 13.40 -12.53
C ALA A 363 4.38 13.86 -12.11
N LEU A 364 4.46 14.93 -11.32
CA LEU A 364 5.72 15.53 -10.92
C LEU A 364 6.30 14.88 -9.66
N SER A 365 7.52 14.38 -9.77
CA SER A 365 8.31 13.98 -8.60
C SER A 365 8.35 15.01 -7.50
N THR A 366 8.29 16.30 -7.83
CA THR A 366 8.25 17.33 -6.80
C THR A 366 6.97 17.18 -5.91
N ASP A 367 5.80 16.97 -6.53
CA ASP A 367 4.53 16.77 -5.77
C ASP A 367 4.38 15.40 -5.09
N SER A 368 5.35 14.50 -5.30
CA SER A 368 5.32 13.16 -4.74
C SER A 368 6.02 13.19 -3.39
N VAL A 369 5.26 13.49 -2.38
CA VAL A 369 5.70 13.59 -1.02
C VAL A 369 4.88 12.58 -0.23
N GLU A 370 5.53 11.92 0.71
CA GLU A 370 4.83 10.99 1.54
C GLU A 370 3.64 11.65 2.20
N ARG A 371 2.55 10.91 2.22
CA ARG A 371 1.40 11.20 3.03
C ARG A 371 1.58 10.29 4.26
N LEU A 372 1.38 10.87 5.44
CA LEU A 372 1.52 10.18 6.72
C LEU A 372 0.44 10.63 7.68
N PRO A 373 -0.16 9.71 8.45
CA PRO A 373 -1.05 10.12 9.51
C PRO A 373 -0.27 10.70 10.75
N VAL A 374 -0.93 11.53 11.55
CA VAL A 374 -0.27 12.29 12.64
C VAL A 374 -0.21 11.58 14.02
N TYR A 375 -0.97 12.03 15.05
CA TYR A 375 -0.59 11.85 16.51
C TYR A 375 -1.41 10.89 17.40
C1 TF3 B . -14.18 1.20 17.99
C2 TF3 B . -13.85 2.36 18.61
C3 TF3 B . -15.52 0.84 17.88
O1 TF3 B . -13.10 0.51 17.55
C4 TF3 B . -14.80 3.23 19.13
CL1 TF3 B . -12.17 2.58 18.61
C5 TF3 B . -16.51 1.69 18.40
C6 TF3 B . -13.33 -0.66 16.72
C7 TF3 B . -16.17 2.88 19.03
C8 TF3 B . -12.26 -1.44 16.32
C9 TF3 B . -17.34 3.82 19.58
C10 TF3 B . -11.01 -0.86 16.14
C11 TF3 B . -12.43 -2.78 16.09
C12 TF3 B . -17.34 3.97 21.14
C13 TF3 B . -9.93 -1.64 15.75
C14 TF3 B . -11.36 -3.58 15.71
N1 TF3 B . -16.25 4.56 21.62
O2 TF3 B . -18.31 3.58 21.79
C15 TF3 B . -10.11 -3.00 15.53
C16 TF3 B . -15.93 4.76 23.05
C17 TF3 B . -8.94 -3.84 15.10
C18 TF3 B . -14.56 4.10 23.24
C19 TF3 B . -9.41 -5.26 14.83
C20 TF3 B . -8.33 -3.16 13.89
N2 TF3 B . -14.32 3.71 24.63
MG MG C . -15.56 5.88 -4.67
C8 SZ6 D . -14.11 -7.15 -4.34
C2 SZ6 D . -13.60 -8.34 -5.11
C1 SZ6 D . -12.62 -9.11 -4.56
N6 SZ6 D . -12.15 -10.15 -5.20
C5 SZ6 D . -12.64 -10.46 -6.37
CL7 SZ6 D . -12.03 -11.79 -7.22
N4 SZ6 D . -13.59 -9.72 -6.94
C3 SZ6 D . -14.11 -8.67 -6.34
C9 SZ6 D . -15.10 -7.94 -6.99
C14 SZ6 D . -16.14 -7.36 -6.33
C13 SZ6 D . -17.11 -6.63 -7.00
C10 SZ6 D . -15.04 -7.80 -8.35
C11 SZ6 D . -16.01 -7.09 -9.02
C12 SZ6 D . -17.05 -6.48 -8.36
N15 SZ6 D . -17.96 -5.83 -9.05
C16 SZ6 D . -17.64 -4.79 -9.80
O19 SZ6 D . -18.44 -4.20 -10.47
C18 SZ6 D . -16.22 -4.33 -9.79
C28 SZ6 D . -15.65 -3.87 -8.63
C29 SZ6 D . -14.36 -3.42 -8.63
C30 SZ6 D . -13.64 -3.41 -9.79
O33 SZ6 D . -12.39 -3.00 -9.81
C31 SZ6 D . -14.20 -3.87 -10.93
C32 SZ6 D . -15.50 -4.30 -10.94
O34 SZ6 D . -16.06 -4.73 -12.05
C17 SZ6 D . -19.32 -6.28 -8.94
C20 SZ6 D . -19.60 -7.52 -9.73
C25 SZ6 D . -19.76 -8.74 -9.12
C24 SZ6 D . -20.00 -9.86 -9.87
C21 SZ6 D . -19.72 -7.41 -11.08
C22 SZ6 D . -19.98 -8.53 -11.82
C23 SZ6 D . -20.14 -9.74 -11.23
C26 SZ6 D . -20.39 -10.94 -12.11
N27 SZ6 D . -21.79 -11.25 -12.31
C35 SZ6 D . -22.31 -12.29 -11.70
O37 SZ6 D . -21.70 -12.98 -10.92
C36 SZ6 D . -23.73 -12.61 -11.94
F39 SZ6 D . -24.39 -11.49 -12.32
F38 SZ6 D . -24.23 -13.08 -10.76
#